data_3FE3
#
_entry.id   3FE3
#
_cell.length_a   96.520
_cell.length_b   95.330
_cell.length_c   111.080
_cell.angle_alpha   90.000
_cell.angle_beta   106.390
_cell.angle_gamma   90.000
#
_symmetry.space_group_name_H-M   'C 1 2 1'
#
loop_
_entity.id
_entity.type
_entity.pdbx_description
1 polymer 'MAP/microtubule affinity-regulating kinase 3'
2 water water
#
_entity_poly.entity_id   1
_entity_poly.type   'polypeptide(L)'
_entity_poly.pdbx_seq_one_letter_code
;GNSIASCADEQPHIGNYRLLKTIGKGNFAKVKLARHILTGREVAIKIIDKTQLNPTSLQKLFREVRIMKILNHPNIVKLF
EVIETEKTLYLIMEYASGGEVFDYLVAHGRMKEKEARSKFRQIVSAVQYCHQKRIVHRDLKAENLLLDADMNIKIADFGF
SNEFTVGGKLDAFCGAPPYAAPELFQGKKYDGPEVDVWSLGVILYTLVSGSLPFDGQNLKELRERVLRGKYRIPFYMSTD
CENLLKRFLVLNPIKRGTLEQIMKDRWINAGHEEDELKPFVEPELDISDQKRIDIMVGMGYSQEEIQESLSKMKYDEITA
TYLLLGRK
;
_entity_poly.pdbx_strand_id   A,B
#
# COMPACT_ATOMS: atom_id res chain seq x y z
N GLN A 11 5.36 2.13 -36.78
CA GLN A 11 4.08 2.50 -37.47
C GLN A 11 3.45 3.79 -36.90
N PRO A 12 2.87 3.78 -35.67
CA PRO A 12 2.27 5.03 -35.21
C PRO A 12 3.28 6.11 -34.77
N HIS A 13 2.96 7.39 -35.04
CA HIS A 13 3.82 8.51 -34.72
C HIS A 13 3.03 9.64 -34.09
N ILE A 14 3.68 10.49 -33.29
CA ILE A 14 3.12 11.76 -32.86
C ILE A 14 4.23 12.80 -32.97
N GLY A 15 3.96 13.94 -33.65
CA GLY A 15 4.99 14.89 -34.01
C GLY A 15 6.20 14.14 -34.56
N ASN A 16 7.38 14.50 -34.06
CA ASN A 16 8.64 13.82 -34.49
C ASN A 16 8.97 12.49 -33.76
N TYR A 17 7.95 11.76 -33.31
CA TYR A 17 8.23 10.55 -32.45
C TYR A 17 7.52 9.31 -32.93
N ARG A 18 8.32 8.25 -33.12
CA ARG A 18 7.81 6.93 -33.42
CA ARG A 18 7.79 6.92 -33.42
C ARG A 18 7.42 6.32 -32.07
N LEU A 19 6.13 5.98 -31.92
CA LEU A 19 5.68 5.42 -30.64
C LEU A 19 5.97 3.91 -30.55
N LEU A 20 6.67 3.53 -29.49
CA LEU A 20 7.00 2.16 -29.28
C LEU A 20 6.09 1.63 -28.12
N LYS A 21 6.62 0.81 -27.24
CA LYS A 21 5.74 0.06 -26.38
C LYS A 21 5.17 0.89 -25.23
N THR A 22 4.08 0.43 -24.65
CA THR A 22 3.46 1.11 -23.55
C THR A 22 4.14 0.58 -22.29
N ILE A 23 4.63 1.46 -21.44
CA ILE A 23 5.40 0.97 -20.32
C ILE A 23 4.75 1.31 -18.98
N GLY A 24 3.72 2.13 -19.01
CA GLY A 24 2.99 2.33 -17.78
C GLY A 24 1.55 2.65 -18.09
N LYS A 25 0.63 2.09 -17.33
CA LYS A 25 -0.80 2.30 -17.59
C LYS A 25 -1.53 2.82 -16.36
N GLY A 26 -1.75 4.13 -16.24
CA GLY A 26 -2.36 4.71 -15.02
C GLY A 26 -3.82 5.12 -15.17
N ASN A 27 -4.38 5.73 -14.13
CA ASN A 27 -5.77 6.19 -14.23
C ASN A 27 -6.00 7.23 -15.34
N PHE A 28 -5.32 8.36 -15.26
CA PHE A 28 -5.55 9.44 -16.21
C PHE A 28 -4.45 9.53 -17.23
N ALA A 29 -3.40 8.74 -17.02
CA ALA A 29 -2.21 8.86 -17.86
C ALA A 29 -1.61 7.50 -18.27
N LYS A 30 -1.07 7.45 -19.49
CA LYS A 30 -0.29 6.34 -20.01
C LYS A 30 1.12 6.84 -20.24
N VAL A 31 2.09 5.95 -20.16
CA VAL A 31 3.46 6.28 -20.57
C VAL A 31 3.92 5.34 -21.67
N LYS A 32 4.42 5.89 -22.78
CA LYS A 32 4.93 5.05 -23.90
C LYS A 32 6.37 5.33 -24.15
N LEU A 33 7.15 4.30 -24.42
CA LEU A 33 8.49 4.55 -24.92
C LEU A 33 8.36 5.05 -26.38
N ALA A 34 9.27 5.91 -26.79
CA ALA A 34 9.23 6.45 -28.17
C ALA A 34 10.64 6.75 -28.63
N ARG A 35 10.79 6.91 -29.93
CA ARG A 35 12.06 7.28 -30.47
C ARG A 35 11.88 8.56 -31.25
N HIS A 36 12.75 9.52 -30.98
CA HIS A 36 12.77 10.78 -31.74
C HIS A 36 13.35 10.53 -33.13
N ILE A 37 12.56 10.77 -34.19
CA ILE A 37 13.04 10.28 -35.45
C ILE A 37 14.17 11.11 -36.03
N LEU A 38 14.34 12.36 -35.64
CA LEU A 38 15.42 13.14 -36.26
C LEU A 38 16.79 12.77 -35.65
N THR A 39 16.78 12.47 -34.39
CA THR A 39 18.05 12.22 -33.67
C THR A 39 18.29 10.78 -33.31
N GLY A 40 17.24 9.97 -33.35
CA GLY A 40 17.29 8.58 -32.90
C GLY A 40 17.29 8.39 -31.37
N ARG A 41 17.17 9.49 -30.60
CA ARG A 41 17.16 9.34 -29.15
C ARG A 41 15.87 8.73 -28.58
N GLU A 42 15.96 7.83 -27.58
CA GLU A 42 14.76 7.29 -26.90
C GLU A 42 14.23 8.24 -25.85
N VAL A 43 12.90 8.33 -25.65
CA VAL A 43 12.26 9.23 -24.72
C VAL A 43 11.09 8.49 -24.14
N ALA A 44 10.47 9.00 -23.05
CA ALA A 44 9.27 8.41 -22.48
C ALA A 44 8.17 9.46 -22.64
N ILE A 45 7.06 9.10 -23.25
CA ILE A 45 5.99 10.10 -23.44
C ILE A 45 4.84 9.82 -22.55
N LYS A 46 4.55 10.79 -21.68
CA LYS A 46 3.37 10.74 -20.85
C LYS A 46 2.23 11.27 -21.68
N ILE A 47 1.14 10.50 -21.72
CA ILE A 47 -0.01 10.84 -22.54
C ILE A 47 -1.25 11.04 -21.65
N ILE A 48 -1.73 12.28 -21.56
CA ILE A 48 -2.93 12.53 -20.75
C ILE A 48 -4.16 12.94 -21.55
N ASP A 49 -5.25 12.23 -21.32
CA ASP A 49 -6.46 12.54 -22.02
C ASP A 49 -7.21 13.61 -21.25
N LYS A 50 -7.25 14.79 -21.83
CA LYS A 50 -7.86 15.94 -21.20
C LYS A 50 -9.36 15.80 -20.97
N THR A 51 -10.05 15.15 -21.91
CA THR A 51 -11.50 15.03 -21.82
C THR A 51 -12.01 14.25 -20.61
N GLN A 52 -11.12 13.65 -19.84
CA GLN A 52 -11.54 12.89 -18.66
C GLN A 52 -11.33 13.70 -17.38
N LEU A 53 -10.78 14.90 -17.53
CA LEU A 53 -10.51 15.76 -16.38
C LEU A 53 -11.59 16.83 -16.26
N ASN A 54 -11.84 17.31 -15.04
CA ASN A 54 -12.70 18.45 -14.89
C ASN A 54 -11.89 19.73 -14.85
N PRO A 55 -12.56 20.89 -14.85
CA PRO A 55 -11.77 22.10 -15.10
C PRO A 55 -10.65 22.37 -14.07
N THR A 56 -10.89 22.03 -12.79
CA THR A 56 -9.92 22.35 -11.75
C THR A 56 -8.65 21.46 -11.82
N SER A 57 -8.84 20.14 -11.91
CA SER A 57 -7.68 19.25 -12.08
C SER A 57 -6.93 19.52 -13.39
N LEU A 58 -7.64 19.99 -14.41
CA LEU A 58 -7.00 20.44 -15.65
C LEU A 58 -6.04 21.63 -15.35
N GLN A 59 -6.55 22.62 -14.63
CA GLN A 59 -5.66 23.66 -14.14
C GLN A 59 -4.50 23.06 -13.33
N LYS A 60 -4.78 22.01 -12.56
CA LYS A 60 -3.74 21.42 -11.75
C LYS A 60 -2.65 20.88 -12.66
N LEU A 61 -3.06 20.14 -13.69
CA LEU A 61 -2.13 19.56 -14.63
C LEU A 61 -1.18 20.62 -15.20
N PHE A 62 -1.76 21.74 -15.66
CA PHE A 62 -0.98 22.82 -16.26
C PHE A 62 -0.03 23.50 -15.25
N ARG A 63 -0.47 23.67 -14.01
CA ARG A 63 0.43 24.17 -12.98
C ARG A 63 1.65 23.21 -12.89
N GLU A 64 1.36 21.90 -12.97
CA GLU A 64 2.38 20.89 -12.80
C GLU A 64 3.28 20.80 -14.03
N VAL A 65 2.73 21.08 -15.21
CA VAL A 65 3.61 21.28 -16.36
C VAL A 65 4.55 22.49 -16.17
N ARG A 66 4.01 23.59 -15.67
CA ARG A 66 4.89 24.74 -15.41
C ARG A 66 6.02 24.43 -14.38
N ILE A 67 5.73 23.59 -13.40
CA ILE A 67 6.78 23.09 -12.50
C ILE A 67 7.89 22.30 -13.25
N MET A 68 7.51 21.36 -14.13
CA MET A 68 8.54 20.61 -14.85
C MET A 68 9.45 21.50 -15.67
N LYS A 69 8.87 22.55 -16.23
CA LYS A 69 9.65 23.47 -17.03
C LYS A 69 10.77 24.24 -16.32
N ILE A 70 10.64 24.51 -15.02
CA ILE A 70 11.74 25.21 -14.33
C ILE A 70 12.66 24.27 -13.53
N LEU A 71 12.36 22.99 -13.45
CA LEU A 71 13.34 22.12 -12.82
C LEU A 71 14.31 21.65 -13.86
N ASN A 72 15.54 22.12 -13.81
CA ASN A 72 16.53 21.61 -14.76
C ASN A 72 17.79 21.22 -13.99
N HIS A 73 17.89 19.93 -13.66
CA HIS A 73 19.00 19.43 -12.81
C HIS A 73 19.46 18.12 -13.45
N PRO A 74 20.76 17.80 -13.43
CA PRO A 74 21.10 16.50 -14.02
C PRO A 74 20.51 15.25 -13.35
N ASN A 75 19.93 15.33 -12.16
CA ASN A 75 19.37 14.10 -11.57
C ASN A 75 17.90 14.21 -11.31
N ILE A 76 17.19 15.06 -12.09
CA ILE A 76 15.73 15.11 -12.04
C ILE A 76 15.24 14.85 -13.50
N VAL A 77 14.26 13.98 -13.69
CA VAL A 77 13.68 13.65 -15.03
C VAL A 77 13.36 14.98 -15.75
N LYS A 78 13.90 15.14 -16.97
CA LYS A 78 13.80 16.43 -17.63
C LYS A 78 12.63 16.39 -18.68
N LEU A 79 11.91 17.51 -18.82
CA LEU A 79 10.85 17.65 -19.83
C LEU A 79 11.56 18.12 -21.13
N PHE A 80 11.34 17.47 -22.27
CA PHE A 80 11.96 17.93 -23.51
C PHE A 80 10.96 18.70 -24.40
N GLU A 81 9.73 18.21 -24.46
CA GLU A 81 8.79 18.81 -25.40
C GLU A 81 7.41 18.69 -24.88
N VAL A 82 6.50 19.59 -25.32
CA VAL A 82 5.08 19.44 -25.00
C VAL A 82 4.35 19.46 -26.34
N ILE A 83 3.48 18.48 -26.59
CA ILE A 83 2.62 18.58 -27.79
C ILE A 83 1.23 18.57 -27.26
N GLU A 84 0.36 19.45 -27.78
CA GLU A 84 -0.96 19.47 -27.20
C GLU A 84 -1.97 19.55 -28.33
N THR A 85 -2.99 18.68 -28.27
CA THR A 85 -4.08 18.72 -29.23
C THR A 85 -5.34 19.15 -28.50
N GLU A 86 -6.43 19.24 -29.24
CA GLU A 86 -7.72 19.52 -28.64
C GLU A 86 -7.97 18.63 -27.43
N LYS A 87 -7.77 17.32 -27.59
CA LYS A 87 -8.12 16.31 -26.56
C LYS A 87 -6.99 15.85 -25.63
N THR A 88 -5.77 15.84 -26.16
CA THR A 88 -4.65 15.09 -25.53
C THR A 88 -3.43 15.95 -25.22
N LEU A 89 -2.81 15.70 -24.06
CA LEU A 89 -1.57 16.35 -23.72
C LEU A 89 -0.46 15.32 -23.70
N TYR A 90 0.61 15.62 -24.42
CA TYR A 90 1.80 14.75 -24.56
C TYR A 90 3.00 15.41 -23.93
N LEU A 91 3.62 14.76 -22.95
CA LEU A 91 4.77 15.35 -22.33
C LEU A 91 5.92 14.43 -22.65
N ILE A 92 6.90 14.95 -23.41
CA ILE A 92 8.00 14.11 -23.87
C ILE A 92 9.10 14.30 -22.83
N MET A 93 9.47 13.21 -22.15
CA MET A 93 10.28 13.22 -20.90
CA MET A 93 10.43 13.46 -21.12
C MET A 93 11.54 12.41 -21.13
N GLU A 94 12.56 12.68 -20.32
CA GLU A 94 13.74 11.80 -20.23
C GLU A 94 13.33 10.37 -19.79
N TYR A 95 13.91 9.32 -20.42
CA TYR A 95 13.54 7.97 -20.13
C TYR A 95 14.69 7.44 -19.18
N ALA A 96 14.34 6.84 -18.05
CA ALA A 96 15.46 6.29 -17.14
C ALA A 96 15.27 4.79 -17.20
N SER A 97 16.14 4.07 -17.90
CA SER A 97 15.81 2.69 -18.23
C SER A 97 16.19 1.68 -17.11
N GLY A 98 16.89 2.17 -16.08
CA GLY A 98 17.41 1.24 -15.05
C GLY A 98 16.41 0.92 -13.93
N GLY A 99 15.17 1.42 -14.01
CA GLY A 99 14.16 1.08 -12.98
C GLY A 99 14.35 1.72 -11.59
N GLU A 100 13.58 1.29 -10.59
CA GLU A 100 13.60 1.96 -9.28
C GLU A 100 14.83 1.49 -8.44
N VAL A 101 15.36 2.41 -7.69
CA VAL A 101 16.56 2.15 -6.90
C VAL A 101 16.16 1.06 -5.91
N PHE A 102 14.98 1.12 -5.29
CA PHE A 102 14.72 0.07 -4.24
C PHE A 102 14.72 -1.35 -4.89
N ASP A 103 14.17 -1.48 -6.11
CA ASP A 103 14.21 -2.77 -6.80
C ASP A 103 15.61 -3.19 -7.14
N TYR A 104 16.46 -2.24 -7.50
CA TYR A 104 17.87 -2.61 -7.79
C TYR A 104 18.50 -3.19 -6.49
N LEU A 105 18.22 -2.55 -5.36
CA LEU A 105 18.79 -3.02 -4.02
C LEU A 105 18.25 -4.37 -3.64
N VAL A 106 16.96 -4.59 -3.90
CA VAL A 106 16.37 -5.90 -3.68
C VAL A 106 17.01 -6.96 -4.59
N ALA A 107 17.19 -6.65 -5.87
CA ALA A 107 17.83 -7.58 -6.76
C ALA A 107 19.34 -7.78 -6.50
N HIS A 108 20.06 -6.73 -6.14
CA HIS A 108 21.52 -6.85 -6.10
C HIS A 108 22.15 -6.74 -4.71
N GLY A 109 21.33 -6.52 -3.69
CA GLY A 109 21.83 -6.35 -2.36
C GLY A 109 22.35 -4.93 -2.12
N ARG A 110 22.81 -4.68 -0.91
CA ARG A 110 23.27 -3.34 -0.54
C ARG A 110 24.39 -2.84 -1.44
N MET A 111 24.54 -1.53 -1.55
CA MET A 111 25.69 -0.95 -2.19
C MET A 111 26.84 -0.72 -1.22
N LYS A 112 28.09 -0.86 -1.70
CA LYS A 112 29.22 -0.52 -0.90
C LYS A 112 29.17 0.99 -0.66
N GLU A 113 29.78 1.41 0.44
CA GLU A 113 29.71 2.84 0.78
C GLU A 113 30.13 3.84 -0.29
N LYS A 114 31.20 3.53 -1.02
CA LYS A 114 31.61 4.40 -2.11
C LYS A 114 30.52 4.55 -3.22
N GLU A 115 29.90 3.46 -3.67
CA GLU A 115 28.78 3.61 -4.59
C GLU A 115 27.55 4.32 -3.98
N ALA A 116 27.23 4.02 -2.73
CA ALA A 116 26.05 4.61 -2.08
C ALA A 116 26.25 6.11 -2.01
N ARG A 117 27.48 6.51 -1.70
CA ARG A 117 27.84 7.91 -1.55
C ARG A 117 27.66 8.67 -2.91
N SER A 118 28.09 8.05 -4.00
CA SER A 118 27.88 8.74 -5.31
C SER A 118 26.38 8.95 -5.70
N LYS A 119 25.53 7.96 -5.46
CA LYS A 119 24.10 8.13 -5.66
C LYS A 119 23.52 9.11 -4.65
N PHE A 120 23.95 9.03 -3.38
CA PHE A 120 23.36 9.89 -2.39
C PHE A 120 23.70 11.37 -2.63
N ARG A 121 24.89 11.66 -3.13
CA ARG A 121 25.25 13.05 -3.42
C ARG A 121 24.33 13.64 -4.51
N GLN A 122 23.95 12.77 -5.44
CA GLN A 122 22.99 13.14 -6.54
C GLN A 122 21.61 13.34 -5.94
N ILE A 123 21.18 12.43 -5.06
CA ILE A 123 19.84 12.52 -4.48
C ILE A 123 19.74 13.81 -3.63
N VAL A 124 20.75 14.07 -2.78
CA VAL A 124 20.72 15.25 -1.94
C VAL A 124 20.78 16.58 -2.78
N SER A 125 21.65 16.61 -3.79
CA SER A 125 21.73 17.79 -4.64
C SER A 125 20.35 18.02 -5.31
N ALA A 126 19.72 16.97 -5.82
CA ALA A 126 18.42 17.18 -6.55
C ALA A 126 17.31 17.68 -5.63
N VAL A 127 17.21 17.09 -4.45
CA VAL A 127 16.13 17.42 -3.56
C VAL A 127 16.35 18.83 -2.94
N GLN A 128 17.59 19.20 -2.64
CA GLN A 128 17.85 20.54 -2.07
C GLN A 128 17.55 21.57 -3.14
N TYR A 129 17.82 21.21 -4.37
CA TYR A 129 17.51 22.12 -5.47
C TYR A 129 15.98 22.37 -5.59
N CYS A 130 15.17 21.34 -5.52
CA CYS A 130 13.72 21.52 -5.47
C CYS A 130 13.29 22.43 -4.30
N HIS A 131 13.77 22.11 -3.10
CA HIS A 131 13.44 22.91 -1.93
C HIS A 131 13.75 24.40 -2.09
N GLN A 132 14.88 24.71 -2.70
CA GLN A 132 15.26 26.08 -2.95
C GLN A 132 14.24 26.79 -3.85
N LYS A 133 13.68 26.05 -4.79
CA LYS A 133 12.64 26.62 -5.63
C LYS A 133 11.29 26.41 -5.00
N ARG A 134 11.28 26.08 -3.70
CA ARG A 134 10.05 25.95 -2.90
C ARG A 134 9.11 24.79 -3.33
N ILE A 135 9.71 23.70 -3.81
CA ILE A 135 8.92 22.56 -4.27
C ILE A 135 9.18 21.44 -3.27
N VAL A 136 8.18 21.04 -2.48
CA VAL A 136 8.38 20.01 -1.46
C VAL A 136 7.46 18.86 -1.82
N HIS A 137 7.92 17.63 -1.66
CA HIS A 137 7.11 16.50 -2.12
C HIS A 137 6.21 15.95 -1.05
N ARG A 138 6.82 15.63 0.12
CA ARG A 138 6.12 15.12 1.30
C ARG A 138 5.39 13.85 1.06
N ASP A 139 5.87 13.10 0.06
CA ASP A 139 5.14 11.90 -0.34
C ASP A 139 6.11 10.89 -0.97
N LEU A 140 7.37 10.93 -0.52
CA LEU A 140 8.43 10.15 -1.18
C LEU A 140 8.11 8.71 -1.09
N LYS A 141 8.39 7.99 -2.17
CA LYS A 141 8.09 6.56 -2.27
C LYS A 141 9.21 6.01 -3.13
N ALA A 142 9.29 4.69 -3.27
CA ALA A 142 10.34 4.08 -4.10
C ALA A 142 10.22 4.54 -5.58
N GLU A 143 8.99 4.70 -6.07
N GLU A 143 8.99 4.71 -6.06
CA GLU A 143 8.78 5.06 -7.47
CA GLU A 143 8.73 5.05 -7.47
C GLU A 143 9.45 6.38 -7.85
C GLU A 143 9.26 6.46 -7.84
N ASN A 144 9.67 7.24 -6.85
CA ASN A 144 10.29 8.55 -7.11
C ASN A 144 11.74 8.48 -7.47
N LEU A 145 12.44 7.38 -7.10
CA LEU A 145 13.88 7.35 -7.35
C LEU A 145 14.18 6.31 -8.41
N LEU A 146 14.71 6.73 -9.59
CA LEU A 146 14.98 5.83 -10.68
C LEU A 146 16.45 5.89 -11.01
N LEU A 147 16.90 4.95 -11.82
CA LEU A 147 18.29 4.86 -12.28
C LEU A 147 18.27 4.96 -13.80
N ASP A 148 19.21 5.68 -14.41
CA ASP A 148 19.33 5.65 -15.88
C ASP A 148 20.27 4.53 -16.33
N ALA A 149 20.60 4.45 -17.61
CA ALA A 149 21.39 3.32 -18.13
C ALA A 149 22.80 3.32 -17.57
N ASP A 150 23.25 4.48 -17.08
CA ASP A 150 24.59 4.59 -16.53
C ASP A 150 24.58 4.63 -15.01
N MET A 151 23.48 4.21 -14.40
CA MET A 151 23.39 4.13 -12.94
C MET A 151 23.38 5.49 -12.25
N ASN A 152 23.05 6.56 -13.00
CA ASN A 152 22.88 7.88 -12.38
C ASN A 152 21.45 7.95 -11.91
N ILE A 153 21.24 8.68 -10.82
CA ILE A 153 19.93 8.77 -10.21
C ILE A 153 19.07 9.72 -11.07
N LYS A 154 17.77 9.43 -11.24
CA LYS A 154 16.88 10.35 -11.93
C LYS A 154 15.64 10.38 -11.03
N ILE A 155 15.38 11.53 -10.42
CA ILE A 155 14.25 11.67 -9.51
C ILE A 155 13.01 11.90 -10.38
N ALA A 156 11.95 11.15 -10.16
CA ALA A 156 10.76 11.29 -11.03
C ALA A 156 9.55 11.75 -10.25
N ASP A 157 8.66 12.49 -10.92
CA ASP A 157 7.42 12.92 -10.27
C ASP A 157 7.53 13.70 -8.96
N PHE A 158 8.61 14.42 -8.78
CA PHE A 158 8.80 15.08 -7.51
C PHE A 158 8.00 16.40 -7.51
N GLY A 159 7.10 16.53 -6.54
CA GLY A 159 6.22 17.73 -6.41
C GLY A 159 4.92 17.68 -7.20
N PHE A 160 4.63 16.51 -7.77
CA PHE A 160 3.50 16.35 -8.65
C PHE A 160 2.47 15.45 -7.96
N SER A 161 1.18 15.65 -8.24
CA SER A 161 0.12 14.80 -7.69
C SER A 161 0.09 13.39 -8.24
N ASN A 162 -0.26 12.47 -7.37
CA ASN A 162 -0.45 11.09 -7.74
C ASN A 162 -1.54 10.93 -8.82
N GLU A 163 -2.44 11.90 -8.96
CA GLU A 163 -3.55 11.90 -9.96
C GLU A 163 -3.04 11.61 -11.39
N PHE A 164 -1.84 12.08 -11.70
CA PHE A 164 -1.33 12.01 -13.06
C PHE A 164 -0.18 11.02 -13.24
N THR A 165 0.08 10.17 -12.25
CA THR A 165 1.12 9.16 -12.40
C THR A 165 0.54 7.81 -12.77
N VAL A 166 1.39 6.91 -13.20
CA VAL A 166 0.90 5.60 -13.58
C VAL A 166 0.32 4.85 -12.36
N GLY A 167 0.95 5.02 -11.20
CA GLY A 167 0.46 4.34 -10.01
C GLY A 167 -0.75 3.46 -10.26
N GLY A 168 -1.90 4.06 -10.51
CA GLY A 168 -3.12 3.27 -10.47
C GLY A 168 -3.95 3.71 -9.29
N LYS A 169 -5.20 3.99 -9.58
CA LYS A 169 -6.08 4.75 -8.67
C LYS A 169 -5.92 4.37 -7.18
N LEU A 170 -6.31 3.15 -6.85
CA LEU A 170 -6.53 2.77 -5.48
C LEU A 170 -5.23 2.34 -4.75
N ASP A 171 -4.09 2.59 -5.37
CA ASP A 171 -2.81 2.20 -4.81
C ASP A 171 -1.99 3.36 -4.29
N ALA A 172 -2.62 4.54 -4.20
CA ALA A 172 -1.95 5.74 -3.66
C ALA A 172 -1.20 5.67 -2.30
N PHE A 173 -1.60 4.75 -1.41
CA PHE A 173 -1.00 4.70 -0.04
C PHE A 173 0.00 3.55 0.12
N CYS A 174 0.12 2.68 -0.85
CA CYS A 174 1.01 1.55 -0.78
C CYS A 174 2.42 1.80 -0.36
N GLY A 175 3.08 2.70 -1.07
CA GLY A 175 4.52 2.77 -0.83
C GLY A 175 4.97 3.91 0.04
N ALA A 176 4.06 4.71 0.56
CA ALA A 176 4.52 5.86 1.36
C ALA A 176 4.91 5.56 2.86
N PRO A 177 4.20 4.68 3.54
CA PRO A 177 4.38 4.66 5.05
C PRO A 177 5.86 4.45 5.40
N PRO A 178 6.58 3.56 4.66
CA PRO A 178 7.99 3.30 5.16
C PRO A 178 8.86 4.52 5.11
N TYR A 179 8.50 5.55 4.31
CA TYR A 179 9.33 6.75 4.17
C TYR A 179 8.69 7.94 4.89
N ALA A 180 7.57 7.72 5.53
CA ALA A 180 6.84 8.85 6.17
C ALA A 180 7.54 9.36 7.42
N ALA A 181 7.61 10.67 7.59
CA ALA A 181 8.19 11.28 8.83
C ALA A 181 7.23 11.09 10.03
N PRO A 182 7.81 10.97 11.25
CA PRO A 182 6.98 10.76 12.42
C PRO A 182 5.92 11.83 12.69
N GLU A 183 6.15 13.07 12.24
CA GLU A 183 5.11 14.07 12.36
C GLU A 183 3.73 13.64 11.74
N LEU A 184 3.76 12.74 10.79
CA LEU A 184 2.46 12.25 10.20
C LEU A 184 1.64 11.62 11.31
N PHE A 185 2.32 10.78 12.09
CA PHE A 185 1.63 10.06 13.14
C PHE A 185 1.48 10.81 14.38
N GLN A 186 2.12 11.95 14.53
CA GLN A 186 1.93 12.71 15.75
C GLN A 186 0.84 13.77 15.62
N GLY A 187 0.31 13.89 14.46
CA GLY A 187 -0.75 14.89 14.29
C GLY A 187 -0.16 16.27 14.06
N LYS A 188 1.12 16.35 13.67
CA LYS A 188 1.77 17.66 13.47
C LYS A 188 1.77 18.17 12.03
N LYS A 189 2.05 19.44 11.83
CA LYS A 189 2.09 19.95 10.44
C LYS A 189 2.93 19.02 9.53
N TYR A 190 2.50 18.82 8.28
CA TYR A 190 3.21 17.87 7.40
C TYR A 190 3.43 18.53 6.07
N ASP A 191 4.10 19.66 6.03
CA ASP A 191 4.12 20.38 4.78
C ASP A 191 5.45 21.02 4.46
N GLY A 192 6.44 20.84 5.32
CA GLY A 192 7.70 21.57 5.10
C GLY A 192 8.79 20.65 4.56
N PRO A 193 9.90 21.23 4.15
CA PRO A 193 10.98 20.47 3.59
C PRO A 193 11.54 19.43 4.61
N GLU A 194 11.27 19.63 5.92
CA GLU A 194 11.81 18.69 6.99
C GLU A 194 11.29 17.28 6.73
N VAL A 195 10.05 17.15 6.25
CA VAL A 195 9.48 15.86 5.97
C VAL A 195 10.32 15.13 4.96
N ASP A 196 10.69 15.78 3.86
CA ASP A 196 11.49 15.09 2.84
C ASP A 196 12.90 14.76 3.40
N VAL A 197 13.40 15.62 4.28
CA VAL A 197 14.69 15.27 4.95
C VAL A 197 14.63 13.93 5.69
N TRP A 198 13.60 13.71 6.47
CA TRP A 198 13.46 12.38 7.09
C TRP A 198 13.43 11.26 6.03
N SER A 199 12.62 11.44 4.93
CA SER A 199 12.60 10.43 3.93
C SER A 199 14.00 10.16 3.31
N LEU A 200 14.86 11.17 3.13
CA LEU A 200 16.21 10.95 2.55
C LEU A 200 17.09 10.11 3.55
N GLY A 201 16.84 10.27 4.85
CA GLY A 201 17.56 9.37 5.83
C GLY A 201 17.13 7.91 5.60
N VAL A 202 15.82 7.66 5.38
CA VAL A 202 15.31 6.32 5.08
C VAL A 202 16.02 5.79 3.84
N ILE A 203 16.07 6.66 2.82
CA ILE A 203 16.70 6.25 1.57
C ILE A 203 18.21 5.95 1.82
N LEU A 204 18.94 6.82 2.51
CA LEU A 204 20.40 6.50 2.74
C LEU A 204 20.52 5.08 3.35
N TYR A 205 19.70 4.82 4.37
CA TYR A 205 19.73 3.56 5.06
C TYR A 205 19.51 2.40 4.05
N THR A 206 18.59 2.55 3.09
CA THR A 206 18.35 1.47 2.14
C THR A 206 19.54 1.29 1.24
N LEU A 207 20.23 2.34 0.90
CA LEU A 207 21.33 2.19 -0.07
C LEU A 207 22.47 1.37 0.55
N VAL A 208 22.71 1.63 1.82
CA VAL A 208 23.87 1.01 2.47
C VAL A 208 23.59 -0.36 3.12
N SER A 209 22.35 -0.64 3.44
CA SER A 209 21.98 -1.89 4.09
C SER A 209 21.18 -2.78 3.20
N GLY A 210 20.51 -2.25 2.17
CA GLY A 210 19.69 -3.15 1.37
C GLY A 210 18.31 -3.37 1.93
N SER A 211 17.99 -2.74 3.07
CA SER A 211 16.79 -2.97 3.91
C SER A 211 16.16 -1.67 4.33
N LEU A 212 14.89 -1.69 4.73
CA LEU A 212 14.28 -0.46 5.35
C LEU A 212 14.63 -0.38 6.82
N PRO A 213 14.84 0.81 7.34
CA PRO A 213 15.08 0.95 8.79
C PRO A 213 13.86 0.74 9.70
N PHE A 214 12.65 1.11 9.20
CA PHE A 214 11.42 0.94 9.99
C PHE A 214 10.48 0.10 9.16
N ASP A 215 10.07 -0.98 9.75
CA ASP A 215 9.18 -1.88 9.04
C ASP A 215 8.15 -2.43 10.02
N GLY A 216 7.09 -2.98 9.51
CA GLY A 216 6.15 -3.70 10.39
C GLY A 216 5.23 -4.46 9.44
N GLN A 217 4.44 -5.33 10.04
CA GLN A 217 3.57 -6.18 9.25
C GLN A 217 2.20 -5.50 9.04
N ASN A 218 1.98 -4.44 9.78
CA ASN A 218 0.79 -3.60 9.60
C ASN A 218 1.02 -2.18 9.93
N LEU A 219 -0.01 -1.35 9.75
CA LEU A 219 0.22 0.08 10.05
C LEU A 219 0.60 0.32 11.44
N LYS A 220 -0.12 -0.30 12.40
CA LYS A 220 0.20 -0.10 13.80
C LYS A 220 1.72 -0.36 14.14
N GLU A 221 2.21 -1.53 13.72
CA GLU A 221 3.63 -1.86 14.02
C GLU A 221 4.61 -0.92 13.34
N LEU A 222 4.36 -0.56 12.08
CA LEU A 222 5.25 0.39 11.42
C LEU A 222 5.22 1.73 12.15
N ARG A 223 4.00 2.18 12.43
CA ARG A 223 3.85 3.46 13.14
C ARG A 223 4.65 3.43 14.43
N GLU A 224 4.58 2.31 15.15
CA GLU A 224 5.29 2.23 16.43
C GLU A 224 6.86 2.28 16.33
N ARG A 225 7.44 1.65 15.30
CA ARG A 225 8.87 1.77 15.00
C ARG A 225 9.27 3.19 14.59
N VAL A 226 8.45 3.84 13.74
CA VAL A 226 8.77 5.18 13.29
C VAL A 226 8.74 6.20 14.48
N LEU A 227 7.74 6.10 15.35
CA LEU A 227 7.55 7.04 16.46
C LEU A 227 8.66 6.83 17.42
N ARG A 228 9.11 5.59 17.56
CA ARG A 228 10.20 5.30 18.54
C ARG A 228 11.57 5.73 17.98
N GLY A 229 11.74 5.67 16.67
CA GLY A 229 12.90 6.29 16.03
C GLY A 229 14.16 5.45 16.08
N LYS A 230 14.08 4.20 16.51
CA LYS A 230 15.33 3.42 16.69
C LYS A 230 15.47 2.46 15.55
N TYR A 231 16.70 2.23 15.06
CA TYR A 231 16.93 1.33 13.92
C TYR A 231 18.30 0.65 14.12
N ARG A 232 18.43 -0.50 13.50
CA ARG A 232 19.53 -1.41 13.70
C ARG A 232 20.72 -0.86 12.89
N ILE A 233 21.91 -0.88 13.47
CA ILE A 233 23.10 -0.59 12.70
C ILE A 233 23.85 -1.88 12.36
N PRO A 234 23.94 -2.27 11.07
CA PRO A 234 24.62 -3.55 10.72
C PRO A 234 26.12 -3.48 10.99
N PHE A 235 26.79 -4.65 11.23
CA PHE A 235 28.19 -4.66 11.63
C PHE A 235 29.07 -3.97 10.61
N TYR A 236 28.70 -4.00 9.32
CA TYR A 236 29.60 -3.52 8.25
C TYR A 236 29.55 -1.99 8.03
N MET A 237 28.58 -1.32 8.64
CA MET A 237 28.37 0.13 8.39
C MET A 237 29.45 0.97 9.10
N SER A 238 30.07 1.89 8.38
CA SER A 238 31.12 2.73 8.98
C SER A 238 30.54 3.66 10.03
N THR A 239 31.43 4.05 10.94
CA THR A 239 31.07 5.05 11.93
C THR A 239 30.58 6.35 11.26
N ASP A 240 31.25 6.78 10.20
CA ASP A 240 30.87 8.04 9.58
C ASP A 240 29.46 7.95 8.96
N CYS A 241 29.06 6.76 8.51
CA CYS A 241 27.73 6.61 7.86
C CYS A 241 26.70 6.63 8.96
N GLU A 242 26.99 5.99 10.09
CA GLU A 242 26.05 5.95 11.20
C GLU A 242 25.84 7.41 11.68
N ASN A 243 26.94 8.15 11.77
CA ASN A 243 26.80 9.54 12.24
C ASN A 243 25.95 10.40 11.26
N LEU A 244 26.10 10.12 9.98
CA LEU A 244 25.31 10.91 8.97
C LEU A 244 23.85 10.57 9.11
N LEU A 245 23.53 9.30 9.29
CA LEU A 245 22.12 8.92 9.54
C LEU A 245 21.44 9.65 10.72
N LYS A 246 22.20 9.87 11.77
CA LYS A 246 21.69 10.56 12.92
C LYS A 246 21.28 12.01 12.61
N ARG A 247 21.78 12.58 11.52
CA ARG A 247 21.45 13.98 11.22
C ARG A 247 20.05 14.03 10.47
N PHE A 248 19.67 12.96 9.79
CA PHE A 248 18.34 12.92 9.05
C PHE A 248 17.29 12.32 9.95
N LEU A 249 17.63 11.22 10.70
CA LEU A 249 16.57 10.50 11.34
C LEU A 249 16.37 11.00 12.73
N VAL A 250 15.95 12.26 12.85
CA VAL A 250 15.79 12.92 14.13
C VAL A 250 14.30 13.06 14.33
N LEU A 251 13.77 12.61 15.44
CA LEU A 251 12.32 12.66 15.58
C LEU A 251 11.73 14.10 15.52
N ASN A 252 12.43 14.98 16.22
CA ASN A 252 11.91 16.39 16.38
C ASN A 252 12.24 17.11 15.07
N PRO A 253 11.18 17.58 14.35
CA PRO A 253 11.41 18.18 13.00
C PRO A 253 12.13 19.54 13.06
N ILE A 254 12.19 20.24 14.20
CA ILE A 254 12.96 21.48 14.24
C ILE A 254 14.44 21.15 14.42
N LYS A 255 14.71 20.13 15.25
CA LYS A 255 16.12 19.76 15.51
C LYS A 255 16.72 19.04 14.29
N ARG A 256 15.88 18.40 13.50
CA ARG A 256 16.31 17.59 12.35
C ARG A 256 17.24 18.42 11.50
N GLY A 257 18.28 17.82 10.93
CA GLY A 257 19.27 18.66 10.25
C GLY A 257 18.66 19.20 8.91
N THR A 258 19.17 20.32 8.44
CA THR A 258 18.74 20.81 7.13
C THR A 258 19.74 20.36 6.03
N LEU A 259 19.26 20.28 4.79
CA LEU A 259 20.15 19.83 3.69
C LEU A 259 21.40 20.63 3.45
N GLU A 260 21.29 21.95 3.51
CA GLU A 260 22.42 22.83 3.39
C GLU A 260 23.44 22.58 4.48
N GLN A 261 23.01 22.22 5.69
CA GLN A 261 23.99 21.91 6.73
C GLN A 261 24.57 20.52 6.47
N ILE A 262 23.70 19.57 6.14
CA ILE A 262 24.08 18.16 5.94
C ILE A 262 25.09 18.00 4.79
N MET A 263 25.03 18.89 3.81
CA MET A 263 25.91 18.79 2.67
C MET A 263 27.36 18.95 3.10
N LYS A 264 27.59 19.54 4.26
CA LYS A 264 28.93 19.68 4.75
C LYS A 264 29.48 18.45 5.45
N ASP A 265 28.68 17.41 5.58
CA ASP A 265 29.04 16.24 6.41
C ASP A 265 30.30 15.49 5.92
N ARG A 266 31.07 14.96 6.87
N ARG A 266 31.10 14.96 6.85
CA ARG A 266 32.30 14.19 6.59
CA ARG A 266 32.32 14.23 6.44
C ARG A 266 32.10 12.99 5.65
C ARG A 266 32.03 13.03 5.52
N TRP A 267 31.06 12.19 5.88
CA TRP A 267 30.78 11.03 5.02
C TRP A 267 30.33 11.47 3.61
N ILE A 268 29.43 12.44 3.55
CA ILE A 268 28.99 12.98 2.21
C ILE A 268 30.20 13.33 1.35
N ASN A 269 31.26 13.78 2.00
CA ASN A 269 32.34 14.39 1.24
C ASN A 269 33.63 13.57 1.17
N ALA A 270 33.61 12.36 1.71
CA ALA A 270 34.81 11.55 1.71
C ALA A 270 35.22 11.35 0.27
N GLY A 271 36.48 11.59 -0.04
CA GLY A 271 36.96 11.46 -1.40
C GLY A 271 36.66 12.67 -2.25
N HIS A 272 36.07 13.70 -1.65
CA HIS A 272 35.71 14.91 -2.39
C HIS A 272 36.35 16.17 -1.83
N GLU A 273 37.54 15.99 -1.24
CA GLU A 273 38.43 17.06 -0.76
C GLU A 273 38.25 18.39 -1.47
N GLU A 274 38.47 18.36 -2.77
CA GLU A 274 38.52 19.58 -3.57
C GLU A 274 37.17 19.85 -4.21
N ASP A 275 36.10 19.41 -3.55
CA ASP A 275 34.85 19.20 -4.23
C ASP A 275 33.64 19.10 -3.29
N GLU A 276 33.63 19.94 -2.26
CA GLU A 276 32.59 19.82 -1.24
C GLU A 276 31.21 19.96 -1.88
N LEU A 277 30.26 19.09 -1.52
CA LEU A 277 28.90 19.18 -2.05
C LEU A 277 28.29 20.50 -1.62
N LYS A 278 27.66 21.22 -2.53
CA LYS A 278 26.98 22.46 -2.16
C LYS A 278 25.75 22.64 -3.05
N PRO A 279 24.88 23.58 -2.69
CA PRO A 279 23.65 23.75 -3.41
C PRO A 279 23.91 23.88 -4.91
N PHE A 280 23.03 23.28 -5.71
CA PHE A 280 23.15 23.33 -7.15
C PHE A 280 22.91 24.72 -7.65
N VAL A 281 23.75 25.13 -8.58
CA VAL A 281 23.57 26.38 -9.31
C VAL A 281 23.39 26.01 -10.79
N GLU A 282 22.23 26.30 -11.36
CA GLU A 282 22.07 25.93 -12.78
C GLU A 282 22.93 26.83 -13.63
N PRO A 283 23.75 26.23 -14.48
CA PRO A 283 24.53 27.01 -15.41
C PRO A 283 23.65 27.72 -16.44
N GLU A 284 24.24 28.68 -17.16
CA GLU A 284 23.55 29.33 -18.29
C GLU A 284 23.46 28.34 -19.41
N LEU A 285 22.27 28.19 -19.99
CA LEU A 285 22.07 27.28 -21.12
C LEU A 285 22.77 27.84 -22.34
N ASP A 286 23.67 27.04 -22.90
CA ASP A 286 24.36 27.37 -24.14
C ASP A 286 23.42 27.10 -25.33
N ILE A 287 22.74 28.15 -25.77
CA ILE A 287 21.83 28.05 -26.91
C ILE A 287 22.53 28.56 -28.16
N SER A 288 23.86 28.59 -28.13
CA SER A 288 24.62 29.17 -29.21
C SER A 288 25.62 28.19 -29.77
N ASP A 289 25.36 26.91 -29.58
CA ASP A 289 26.25 25.90 -30.14
C ASP A 289 26.05 25.81 -31.64
N GLN A 290 27.00 26.36 -32.39
CA GLN A 290 26.82 26.50 -33.82
C GLN A 290 26.89 25.13 -34.48
N LYS A 291 27.67 24.23 -33.91
CA LYS A 291 27.70 22.87 -34.42
C LYS A 291 26.30 22.18 -34.43
N ARG A 292 25.57 22.28 -33.32
CA ARG A 292 24.22 21.72 -33.30
C ARG A 292 23.30 22.55 -34.20
N ILE A 293 23.43 23.87 -34.15
CA ILE A 293 22.60 24.73 -34.99
C ILE A 293 22.74 24.36 -36.48
N ASP A 294 23.96 24.04 -36.91
CA ASP A 294 24.20 23.69 -38.31
C ASP A 294 23.51 22.38 -38.70
N ILE A 295 23.54 21.39 -37.79
CA ILE A 295 22.89 20.09 -38.04
C ILE A 295 21.40 20.29 -38.21
N MET A 296 20.84 21.16 -37.38
CA MET A 296 19.43 21.45 -37.42
C MET A 296 18.99 22.20 -38.71
N VAL A 297 19.82 23.12 -39.18
CA VAL A 297 19.55 23.81 -40.45
C VAL A 297 19.51 22.76 -41.56
N GLY A 298 20.45 21.81 -41.50
CA GLY A 298 20.48 20.69 -42.45
C GLY A 298 19.18 19.89 -42.45
N MET A 299 18.52 19.84 -41.31
CA MET A 299 17.32 19.03 -41.14
C MET A 299 16.14 19.80 -41.62
N GLY A 300 16.33 21.06 -41.96
CA GLY A 300 15.17 21.85 -42.36
C GLY A 300 14.77 23.07 -41.54
N TYR A 301 15.31 23.24 -40.33
CA TYR A 301 15.00 24.44 -39.54
C TYR A 301 15.82 25.65 -39.99
N SER A 302 15.33 26.87 -39.72
CA SER A 302 16.13 28.06 -40.01
C SER A 302 16.83 28.59 -38.77
N GLN A 303 17.99 29.22 -38.94
CA GLN A 303 18.68 29.82 -37.79
C GLN A 303 17.76 30.74 -36.98
N GLU A 304 17.09 31.66 -37.68
CA GLU A 304 16.22 32.66 -37.07
C GLU A 304 15.16 32.06 -36.18
N GLU A 305 14.42 31.12 -36.73
CA GLU A 305 13.41 30.45 -35.91
C GLU A 305 14.04 29.57 -34.81
N ILE A 306 15.22 29.02 -35.07
CA ILE A 306 15.88 28.23 -34.05
C ILE A 306 16.18 29.17 -32.88
N GLN A 307 16.75 30.32 -33.21
CA GLN A 307 17.07 31.31 -32.19
C GLN A 307 15.83 31.77 -31.43
N GLU A 308 14.69 31.87 -32.09
CA GLU A 308 13.46 32.26 -31.40
C GLU A 308 12.99 31.20 -30.38
N SER A 309 12.85 29.94 -30.81
CA SER A 309 12.35 28.91 -29.90
C SER A 309 13.30 28.71 -28.74
N LEU A 310 14.60 28.77 -29.00
CA LEU A 310 15.54 28.47 -27.90
C LEU A 310 15.54 29.63 -26.90
N SER A 311 15.76 30.85 -27.40
CA SER A 311 15.83 32.04 -26.56
C SER A 311 14.55 32.28 -25.76
N LYS A 312 13.42 31.80 -26.26
CA LYS A 312 12.19 31.89 -25.49
C LYS A 312 11.85 30.57 -24.81
N MET A 313 12.72 29.56 -24.95
CA MET A 313 12.51 28.25 -24.34
C MET A 313 11.03 27.83 -24.43
N LYS A 314 10.61 27.54 -25.66
CA LYS A 314 9.21 27.22 -25.98
C LYS A 314 8.83 25.74 -25.77
N TYR A 315 9.83 24.87 -25.59
CA TYR A 315 9.54 23.41 -25.39
C TYR A 315 8.73 22.89 -26.58
N ASP A 316 9.20 23.23 -27.77
CA ASP A 316 8.52 22.82 -28.99
C ASP A 316 9.43 21.86 -29.75
N GLU A 317 9.19 21.61 -31.05
CA GLU A 317 10.01 20.54 -31.67
C GLU A 317 11.48 21.00 -31.84
N ILE A 318 11.72 22.30 -31.95
CA ILE A 318 13.08 22.84 -32.11
C ILE A 318 13.90 22.63 -30.79
N THR A 319 13.32 23.04 -29.68
CA THR A 319 14.08 23.00 -28.43
C THR A 319 14.35 21.52 -28.07
N ALA A 320 13.39 20.65 -28.29
CA ALA A 320 13.63 19.23 -28.07
C ALA A 320 14.76 18.70 -28.95
N THR A 321 14.81 19.09 -30.24
CA THR A 321 15.81 18.58 -31.13
C THR A 321 17.16 19.11 -30.70
N TYR A 322 17.21 20.38 -30.31
CA TYR A 322 18.48 20.99 -29.94
C TYR A 322 19.05 20.23 -28.69
N LEU A 323 18.21 20.03 -27.70
CA LEU A 323 18.56 19.30 -26.43
C LEU A 323 18.95 17.86 -26.72
N LEU A 324 18.13 17.13 -27.48
CA LEU A 324 18.44 15.73 -27.83
C LEU A 324 19.74 15.59 -28.58
N LEU A 325 20.05 16.53 -29.47
CA LEU A 325 21.35 16.50 -30.15
C LEU A 325 22.55 16.64 -29.16
N GLY A 326 22.31 17.21 -27.99
CA GLY A 326 23.41 17.42 -27.02
C GLY A 326 23.50 16.25 -26.04
N ARG A 327 22.77 15.17 -26.32
CA ARG A 327 22.76 14.01 -25.43
C ARG A 327 23.35 12.77 -26.06
N GLN B 11 2.20 -34.02 -4.20
CA GLN B 11 1.43 -32.74 -4.22
C GLN B 11 -0.01 -32.85 -4.76
N PRO B 12 -0.45 -34.03 -5.23
CA PRO B 12 -1.88 -33.88 -5.49
C PRO B 12 -2.74 -34.05 -4.21
N HIS B 13 -2.19 -34.63 -3.13
CA HIS B 13 -2.95 -34.88 -1.91
C HIS B 13 -2.19 -34.43 -0.66
N ILE B 14 -2.89 -34.09 0.40
CA ILE B 14 -2.21 -33.89 1.72
C ILE B 14 -3.15 -34.44 2.69
N GLY B 15 -2.74 -35.44 3.45
CA GLY B 15 -3.69 -35.95 4.44
C GLY B 15 -4.96 -36.46 3.73
N ASN B 16 -6.13 -36.15 4.27
CA ASN B 16 -7.39 -36.61 3.70
C ASN B 16 -7.92 -35.54 2.69
N TYR B 17 -7.04 -34.82 2.04
CA TYR B 17 -7.49 -33.75 1.05
C TYR B 17 -6.88 -33.94 -0.32
N ARG B 18 -7.70 -33.81 -1.39
CA ARG B 18 -7.12 -33.70 -2.74
C ARG B 18 -6.96 -32.22 -3.03
N LEU B 19 -5.77 -31.79 -3.46
CA LEU B 19 -5.47 -30.39 -3.62
C LEU B 19 -5.86 -30.01 -5.05
N LEU B 20 -6.52 -28.88 -5.17
CA LEU B 20 -7.05 -28.45 -6.48
C LEU B 20 -6.37 -27.10 -6.79
N LYS B 21 -7.13 -26.09 -7.15
CA LYS B 21 -6.52 -24.90 -7.77
C LYS B 21 -5.82 -24.04 -6.70
N THR B 22 -4.63 -23.50 -7.01
CA THR B 22 -4.03 -22.46 -6.20
C THR B 22 -4.85 -21.17 -6.36
N ILE B 23 -5.41 -20.65 -5.30
CA ILE B 23 -6.18 -19.42 -5.41
C ILE B 23 -5.46 -18.19 -4.83
N GLY B 24 -4.33 -18.37 -4.15
CA GLY B 24 -3.49 -17.20 -3.82
C GLY B 24 -2.08 -17.62 -3.45
N LYS B 25 -1.10 -16.79 -3.80
CA LYS B 25 0.28 -17.03 -3.42
C LYS B 25 0.97 -15.80 -2.84
N GLY B 26 1.43 -15.87 -1.59
CA GLY B 26 2.12 -14.75 -0.91
C GLY B 26 3.56 -15.04 -0.57
N ASN B 27 4.21 -14.13 0.16
CA ASN B 27 5.59 -14.32 0.60
C ASN B 27 5.83 -15.63 1.35
N PHE B 28 5.05 -15.90 2.39
CA PHE B 28 5.30 -17.09 3.20
C PHE B 28 4.19 -18.12 3.17
N ALA B 29 3.15 -17.83 2.39
CA ALA B 29 1.99 -18.71 2.35
C ALA B 29 1.34 -18.77 0.96
N LYS B 30 0.70 -19.89 0.69
CA LYS B 30 -0.10 -20.14 -0.50
C LYS B 30 -1.49 -20.55 0.01
N VAL B 31 -2.54 -20.37 -0.79
CA VAL B 31 -3.81 -20.89 -0.40
C VAL B 31 -4.30 -21.71 -1.57
N LYS B 32 -4.65 -22.97 -1.31
CA LYS B 32 -5.26 -23.83 -2.34
C LYS B 32 -6.65 -24.24 -2.00
N LEU B 33 -7.48 -24.39 -3.01
CA LEU B 33 -8.77 -24.98 -2.83
C LEU B 33 -8.50 -26.48 -2.74
N ALA B 34 -9.31 -27.21 -2.00
CA ALA B 34 -9.17 -28.60 -1.88
C ALA B 34 -10.48 -29.32 -1.62
N ARG B 35 -10.49 -30.65 -1.72
CA ARG B 35 -11.68 -31.43 -1.49
CA ARG B 35 -11.69 -31.40 -1.43
C ARG B 35 -11.37 -32.50 -0.40
N HIS B 36 -12.16 -32.51 0.66
CA HIS B 36 -12.03 -33.58 1.71
C HIS B 36 -12.49 -34.94 1.13
N ILE B 37 -11.60 -35.93 1.16
CA ILE B 37 -11.96 -37.22 0.55
C ILE B 37 -13.06 -37.98 1.22
N LEU B 38 -13.22 -37.79 2.53
CA LEU B 38 -14.21 -38.65 3.21
C LEU B 38 -15.64 -38.06 3.17
N THR B 39 -15.76 -36.73 3.10
CA THR B 39 -17.12 -36.15 3.08
C THR B 39 -17.41 -35.50 1.75
N GLY B 40 -16.39 -35.28 0.92
CA GLY B 40 -16.55 -34.56 -0.34
C GLY B 40 -16.70 -33.05 -0.25
N ARG B 41 -16.55 -32.47 0.95
CA ARG B 41 -16.68 -30.99 1.05
C ARG B 41 -15.48 -30.18 0.54
N GLU B 42 -15.78 -29.01 -0.02
CA GLU B 42 -14.75 -28.09 -0.44
C GLU B 42 -14.20 -27.24 0.75
N VAL B 43 -12.88 -27.06 0.81
CA VAL B 43 -12.20 -26.30 1.86
C VAL B 43 -11.13 -25.45 1.23
N ALA B 44 -10.55 -24.50 1.98
CA ALA B 44 -9.46 -23.74 1.54
C ALA B 44 -8.27 -24.10 2.41
N ILE B 45 -7.12 -24.43 1.86
CA ILE B 45 -6.00 -24.82 2.69
C ILE B 45 -4.88 -23.82 2.59
N LYS B 46 -4.53 -23.24 3.74
CA LYS B 46 -3.40 -22.35 3.80
C LYS B 46 -2.15 -23.17 4.10
N ILE B 47 -1.10 -22.98 3.30
CA ILE B 47 0.08 -23.77 3.31
C ILE B 47 1.25 -22.84 3.66
N ILE B 48 1.77 -23.03 4.85
CA ILE B 48 2.90 -22.21 5.32
C ILE B 48 4.22 -22.99 5.40
N ASP B 49 5.19 -22.50 4.64
CA ASP B 49 6.53 -23.01 4.61
C ASP B 49 7.23 -22.55 5.92
N LYS B 50 7.57 -23.52 6.78
CA LYS B 50 8.17 -23.21 8.08
C LYS B 50 9.66 -22.92 7.94
N THR B 51 10.31 -23.56 6.98
CA THR B 51 11.74 -23.36 6.78
C THR B 51 12.13 -21.93 6.40
N GLN B 52 11.15 -21.08 6.11
CA GLN B 52 11.47 -19.68 5.78
C GLN B 52 11.17 -18.69 6.91
N LEU B 53 10.85 -19.21 8.08
CA LEU B 53 10.57 -18.38 9.22
C LEU B 53 11.66 -18.49 10.26
N ASN B 54 12.04 -17.36 10.84
CA ASN B 54 12.89 -17.36 12.03
C ASN B 54 12.06 -17.71 13.29
N PRO B 55 12.72 -18.04 14.41
CA PRO B 55 12.12 -18.24 15.74
C PRO B 55 10.96 -17.34 16.23
N THR B 56 11.09 -16.00 16.13
CA THR B 56 10.00 -15.10 16.59
C THR B 56 8.73 -15.27 15.70
N SER B 57 8.91 -15.17 14.37
CA SER B 57 7.85 -15.38 13.38
C SER B 57 7.21 -16.73 13.59
N LEU B 58 8.02 -17.73 13.95
CA LEU B 58 7.50 -19.08 14.16
C LEU B 58 6.57 -19.14 15.38
N GLN B 59 6.99 -18.49 16.46
CA GLN B 59 6.14 -18.44 17.66
C GLN B 59 4.85 -17.59 17.47
N LYS B 60 4.96 -16.49 16.73
CA LYS B 60 3.75 -15.71 16.30
C LYS B 60 2.75 -16.60 15.53
N LEU B 61 3.23 -17.36 14.56
CA LEU B 61 2.39 -18.34 13.89
C LEU B 61 1.61 -19.29 14.83
N PHE B 62 2.31 -19.89 15.77
CA PHE B 62 1.64 -20.83 16.64
C PHE B 62 0.60 -20.15 17.55
N ARG B 63 0.87 -18.93 18.03
CA ARG B 63 -0.07 -18.22 18.88
C ARG B 63 -1.35 -17.93 18.08
N GLU B 64 -1.14 -17.55 16.83
CA GLU B 64 -2.24 -17.22 15.97
C GLU B 64 -3.06 -18.42 15.58
N VAL B 65 -2.42 -19.58 15.41
CA VAL B 65 -3.16 -20.79 15.25
C VAL B 65 -4.01 -21.08 16.48
N ARG B 66 -3.47 -20.88 17.70
CA ARG B 66 -4.26 -21.05 18.91
CA ARG B 66 -4.27 -21.08 18.88
C ARG B 66 -5.47 -20.10 18.91
N ILE B 67 -5.28 -18.86 18.46
CA ILE B 67 -6.45 -17.99 18.36
C ILE B 67 -7.48 -18.53 17.33
N MET B 68 -7.03 -18.99 16.16
CA MET B 68 -8.03 -19.48 15.23
C MET B 68 -8.84 -20.60 15.87
N LYS B 69 -8.22 -21.41 16.71
CA LYS B 69 -8.97 -22.51 17.31
C LYS B 69 -10.07 -22.06 18.24
N ILE B 70 -10.00 -20.85 18.78
CA ILE B 70 -11.05 -20.47 19.72
C ILE B 70 -12.10 -19.55 19.13
N LEU B 71 -11.93 -19.12 17.87
CA LEU B 71 -12.97 -18.30 17.21
C LEU B 71 -13.97 -19.16 16.47
N ASN B 72 -15.14 -19.40 17.08
CA ASN B 72 -16.21 -20.22 16.47
C ASN B 72 -17.56 -19.52 16.33
N HIS B 73 -17.78 -18.89 15.19
CA HIS B 73 -18.94 -18.00 15.08
C HIS B 73 -19.38 -18.19 13.62
N PRO B 74 -20.69 -18.23 13.36
CA PRO B 74 -21.16 -18.42 11.95
C PRO B 74 -20.69 -17.37 10.94
N ASN B 75 -20.18 -16.24 11.41
CA ASN B 75 -19.69 -15.23 10.51
C ASN B 75 -18.21 -14.98 10.56
N ILE B 76 -17.46 -15.98 11.08
CA ILE B 76 -16.01 -15.89 11.09
C ILE B 76 -15.47 -17.16 10.45
N VAL B 77 -14.53 -17.03 9.53
CA VAL B 77 -13.94 -18.21 8.84
C VAL B 77 -13.52 -19.25 9.86
N LYS B 78 -14.00 -20.49 9.70
CA LYS B 78 -13.75 -21.55 10.73
C LYS B 78 -12.51 -22.38 10.38
N LEU B 79 -11.68 -22.72 11.39
CA LEU B 79 -10.58 -23.67 11.14
C LEU B 79 -11.16 -25.09 11.27
N PHE B 80 -10.81 -26.02 10.38
CA PHE B 80 -11.34 -27.35 10.51
C PHE B 80 -10.26 -28.36 10.95
N GLU B 81 -9.02 -28.14 10.55
CA GLU B 81 -7.95 -29.16 10.74
C GLU B 81 -6.59 -28.51 10.66
N VAL B 82 -5.63 -29.03 11.45
CA VAL B 82 -4.24 -28.64 11.30
C VAL B 82 -3.38 -29.84 10.92
N ILE B 83 -2.54 -29.72 9.89
CA ILE B 83 -1.64 -30.81 9.51
C ILE B 83 -0.24 -30.19 9.58
N GLU B 84 0.68 -30.80 10.32
CA GLU B 84 2.01 -30.23 10.48
C GLU B 84 3.12 -31.25 10.21
N THR B 85 4.13 -30.83 9.46
CA THR B 85 5.35 -31.61 9.25
C THR B 85 6.52 -30.78 9.74
N GLU B 86 7.76 -31.29 9.69
CA GLU B 86 8.88 -30.44 10.12
C GLU B 86 9.01 -29.19 9.24
N LYS B 87 8.74 -29.28 7.93
CA LYS B 87 8.84 -28.05 7.13
C LYS B 87 7.60 -27.27 6.74
N THR B 88 6.41 -27.88 6.84
CA THR B 88 5.19 -27.19 6.38
C THR B 88 4.05 -27.30 7.41
N LEU B 89 3.30 -26.20 7.54
CA LEU B 89 2.08 -26.14 8.33
C LEU B 89 0.89 -25.95 7.36
N TYR B 90 -0.10 -26.82 7.44
CA TYR B 90 -1.35 -26.69 6.65
C TYR B 90 -2.53 -26.37 7.57
N LEU B 91 -3.29 -25.30 7.29
CA LEU B 91 -4.46 -24.99 8.08
C LEU B 91 -5.64 -25.15 7.12
N ILE B 92 -6.48 -26.13 7.41
CA ILE B 92 -7.65 -26.44 6.55
C ILE B 92 -8.78 -25.57 7.09
N MET B 93 -9.28 -24.67 6.24
CA MET B 93 -10.22 -23.58 6.62
CA MET B 93 -10.29 -23.79 6.77
C MET B 93 -11.51 -23.61 5.81
N GLU B 94 -12.56 -23.02 6.34
CA GLU B 94 -13.81 -22.77 5.62
C GLU B 94 -13.52 -21.95 4.37
N TYR B 95 -14.13 -22.30 3.23
CA TYR B 95 -13.84 -21.55 1.98
C TYR B 95 -15.04 -20.57 1.76
N ALA B 96 -14.77 -19.27 1.63
CA ALA B 96 -15.82 -18.25 1.35
C ALA B 96 -15.63 -17.88 -0.14
N SER B 97 -16.54 -18.32 -1.01
CA SER B 97 -16.31 -18.18 -2.44
C SER B 97 -16.79 -16.84 -3.06
N GLY B 98 -17.41 -15.96 -2.26
CA GLY B 98 -18.13 -14.73 -2.77
C GLY B 98 -17.25 -13.51 -2.92
N GLY B 99 -15.95 -13.63 -2.60
CA GLY B 99 -15.01 -12.49 -2.65
C GLY B 99 -15.18 -11.43 -1.52
N GLU B 100 -14.51 -10.30 -1.70
CA GLU B 100 -14.53 -9.23 -0.72
C GLU B 100 -15.81 -8.37 -0.83
N VAL B 101 -16.31 -7.97 0.31
CA VAL B 101 -17.50 -7.16 0.40
C VAL B 101 -17.25 -5.86 -0.40
N PHE B 102 -16.11 -5.22 -0.21
CA PHE B 102 -15.94 -3.90 -0.90
C PHE B 102 -15.93 -4.10 -2.43
N ASP B 103 -15.35 -5.20 -2.89
CA ASP B 103 -15.39 -5.50 -4.35
C ASP B 103 -16.82 -5.74 -4.82
N TYR B 104 -17.64 -6.35 -3.97
CA TYR B 104 -19.05 -6.52 -4.28
C TYR B 104 -19.74 -5.15 -4.45
N LEU B 105 -19.39 -4.23 -3.54
CA LEU B 105 -19.94 -2.86 -3.57
C LEU B 105 -19.48 -2.06 -4.77
N VAL B 106 -18.22 -2.21 -5.18
CA VAL B 106 -17.75 -1.59 -6.44
C VAL B 106 -18.48 -2.15 -7.66
N ALA B 107 -18.73 -3.45 -7.66
CA ALA B 107 -19.47 -4.08 -8.77
C ALA B 107 -20.97 -3.79 -8.84
N HIS B 108 -21.66 -3.78 -7.72
CA HIS B 108 -23.09 -3.72 -7.72
C HIS B 108 -23.70 -2.43 -7.19
N GLY B 109 -22.83 -1.54 -6.71
CA GLY B 109 -23.19 -0.28 -6.06
C GLY B 109 -23.69 -0.45 -4.63
N ARG B 110 -24.15 0.62 -4.04
CA ARG B 110 -24.64 0.57 -2.68
C ARG B 110 -25.73 -0.46 -2.42
N MET B 111 -25.79 -0.96 -1.20
CA MET B 111 -26.90 -1.85 -0.81
C MET B 111 -28.03 -0.98 -0.30
N LYS B 112 -29.27 -1.37 -0.59
CA LYS B 112 -30.40 -0.72 0.07
C LYS B 112 -30.28 -0.99 1.58
N GLU B 113 -30.91 -0.17 2.41
CA GLU B 113 -30.70 -0.27 3.87
C GLU B 113 -31.12 -1.64 4.40
N LYS B 114 -32.21 -2.22 3.89
CA LYS B 114 -32.55 -3.59 4.31
C LYS B 114 -31.41 -4.62 4.13
N GLU B 115 -30.76 -4.64 2.97
CA GLU B 115 -29.70 -5.63 2.81
C GLU B 115 -28.41 -5.25 3.60
N ALA B 116 -28.07 -3.96 3.64
CA ALA B 116 -26.93 -3.50 4.46
C ALA B 116 -27.11 -3.90 5.91
N ARG B 117 -28.33 -3.81 6.42
CA ARG B 117 -28.66 -4.21 7.79
C ARG B 117 -28.39 -5.69 8.08
N SER B 118 -28.85 -6.57 7.20
CA SER B 118 -28.61 -7.99 7.43
C SER B 118 -27.08 -8.29 7.38
N LYS B 119 -26.30 -7.60 6.54
CA LYS B 119 -24.83 -7.80 6.58
C LYS B 119 -24.21 -7.19 7.82
N PHE B 120 -24.63 -5.97 8.18
CA PHE B 120 -23.97 -5.26 9.28
C PHE B 120 -24.29 -5.92 10.65
N ARG B 121 -25.48 -6.49 10.83
CA ARG B 121 -25.79 -7.31 12.03
C ARG B 121 -24.79 -8.48 12.21
N GLN B 122 -24.50 -9.18 11.12
CA GLN B 122 -23.48 -10.26 11.13
C GLN B 122 -22.07 -9.75 11.46
N ILE B 123 -21.72 -8.58 10.90
CA ILE B 123 -20.37 -8.05 11.14
C ILE B 123 -20.26 -7.61 12.60
N VAL B 124 -21.27 -6.88 13.10
CA VAL B 124 -21.19 -6.42 14.49
C VAL B 124 -21.14 -7.60 15.45
N SER B 125 -21.97 -8.60 15.19
CA SER B 125 -21.96 -9.82 16.05
C SER B 125 -20.57 -10.51 16.05
N ALA B 126 -19.96 -10.67 14.87
CA ALA B 126 -18.68 -11.40 14.77
C ALA B 126 -17.62 -10.57 15.50
N VAL B 127 -17.57 -9.26 15.26
CA VAL B 127 -16.52 -8.46 15.91
C VAL B 127 -16.72 -8.33 17.41
N GLN B 128 -17.96 -8.14 17.85
CA GLN B 128 -18.18 -8.07 19.26
C GLN B 128 -17.72 -9.39 19.97
N TYR B 129 -17.95 -10.49 19.27
CA TYR B 129 -17.64 -11.80 19.80
C TYR B 129 -16.11 -11.92 19.99
N CYS B 130 -15.32 -11.45 19.02
CA CYS B 130 -13.86 -11.36 19.18
C CYS B 130 -13.46 -10.47 20.34
N HIS B 131 -14.10 -9.29 20.43
CA HIS B 131 -13.72 -8.36 21.48
C HIS B 131 -13.94 -8.98 22.87
N GLN B 132 -15.02 -9.74 22.99
CA GLN B 132 -15.42 -10.34 24.26
C GLN B 132 -14.35 -11.34 24.73
N LYS B 133 -13.62 -11.94 23.78
CA LYS B 133 -12.51 -12.85 24.09
C LYS B 133 -11.16 -12.14 24.01
N ARG B 134 -11.18 -10.81 24.06
CA ARG B 134 -9.94 -10.01 24.10
C ARG B 134 -9.08 -10.07 22.83
N ILE B 135 -9.70 -10.27 21.66
CA ILE B 135 -8.96 -10.30 20.40
C ILE B 135 -9.39 -9.05 19.64
N VAL B 136 -8.45 -8.17 19.37
CA VAL B 136 -8.79 -6.92 18.69
C VAL B 136 -7.90 -6.90 17.48
N HIS B 137 -8.43 -6.43 16.37
CA HIS B 137 -7.65 -6.60 15.15
C HIS B 137 -6.72 -5.38 14.90
N ARG B 138 -7.30 -4.18 15.06
CA ARG B 138 -6.61 -2.90 14.83
C ARG B 138 -5.99 -2.76 13.46
N ASP B 139 -6.56 -3.43 12.43
CA ASP B 139 -5.91 -3.37 11.11
C ASP B 139 -7.01 -3.69 10.06
N LEU B 140 -8.24 -3.35 10.39
CA LEU B 140 -9.31 -3.76 9.46
C LEU B 140 -9.08 -3.15 8.06
N LYS B 141 -9.36 -3.97 7.06
CA LYS B 141 -9.24 -3.56 5.67
C LYS B 141 -10.18 -4.47 4.84
N ALA B 142 -10.29 -4.17 3.56
CA ALA B 142 -11.33 -4.88 2.74
C ALA B 142 -11.06 -6.36 2.73
N GLU B 143 -9.78 -6.81 2.74
CA GLU B 143 -9.48 -8.26 2.73
C GLU B 143 -10.06 -9.04 3.91
N ASN B 144 -10.41 -8.34 4.97
CA ASN B 144 -10.94 -9.03 6.16
C ASN B 144 -12.41 -9.40 6.04
N LEU B 145 -13.14 -8.77 5.07
CA LEU B 145 -14.58 -9.02 5.03
C LEU B 145 -14.94 -9.74 3.76
N LEU B 146 -15.31 -11.02 3.89
CA LEU B 146 -15.61 -11.83 2.71
C LEU B 146 -17.11 -12.16 2.73
N LEU B 147 -17.56 -12.74 1.63
CA LEU B 147 -18.87 -13.25 1.45
C LEU B 147 -18.80 -14.69 1.04
N ASP B 148 -19.74 -15.50 1.53
CA ASP B 148 -19.82 -16.89 1.10
C ASP B 148 -20.81 -16.98 -0.04
N ALA B 149 -21.07 -18.19 -0.51
CA ALA B 149 -21.91 -18.41 -1.71
C ALA B 149 -23.34 -17.93 -1.44
N ASP B 150 -23.74 -17.91 -0.18
CA ASP B 150 -25.09 -17.46 0.12
C ASP B 150 -25.17 -16.02 0.53
N MET B 151 -24.13 -15.24 0.28
CA MET B 151 -24.07 -13.85 0.67
C MET B 151 -24.04 -13.59 2.19
N ASN B 152 -23.69 -14.60 2.98
CA ASN B 152 -23.43 -14.36 4.38
C ASN B 152 -22.02 -13.79 4.58
N ILE B 153 -21.85 -12.94 5.58
CA ILE B 153 -20.53 -12.38 5.87
C ILE B 153 -19.62 -13.48 6.47
N LYS B 154 -18.37 -13.51 6.03
CA LYS B 154 -17.33 -14.35 6.64
C LYS B 154 -16.11 -13.45 6.91
N ILE B 155 -15.82 -13.24 8.19
CA ILE B 155 -14.71 -12.39 8.49
C ILE B 155 -13.40 -13.27 8.51
N ALA B 156 -12.40 -12.85 7.76
CA ALA B 156 -11.15 -13.59 7.60
C ALA B 156 -9.95 -12.95 8.25
N ASP B 157 -9.05 -13.79 8.77
CA ASP B 157 -7.83 -13.30 9.35
C ASP B 157 -7.95 -12.28 10.46
N PHE B 158 -8.99 -12.37 11.27
CA PHE B 158 -9.15 -11.36 12.28
C PHE B 158 -8.21 -11.75 13.46
N GLY B 159 -7.37 -10.83 13.87
CA GLY B 159 -6.27 -11.17 14.84
C GLY B 159 -5.26 -12.17 14.30
N PHE B 160 -4.98 -12.12 13.00
CA PHE B 160 -4.04 -13.13 12.37
C PHE B 160 -3.00 -12.37 11.52
N SER B 161 -1.73 -12.36 11.88
CA SER B 161 -0.76 -11.41 11.26
C SER B 161 -0.70 -11.46 9.71
N ASN B 162 -0.56 -10.27 9.09
CA ASN B 162 -0.34 -10.14 7.63
C ASN B 162 0.89 -10.89 7.09
N GLU B 163 1.79 -11.24 7.98
CA GLU B 163 2.98 -11.94 7.61
C GLU B 163 2.63 -13.28 6.95
N PHE B 164 1.50 -13.87 7.34
CA PHE B 164 1.13 -15.21 6.88
C PHE B 164 -0.04 -15.17 5.87
N THR B 165 -0.28 -14.00 5.26
CA THR B 165 -1.40 -13.89 4.33
C THR B 165 -0.87 -13.86 2.91
N VAL B 166 -1.74 -13.98 1.92
CA VAL B 166 -1.31 -13.91 0.53
C VAL B 166 -0.84 -12.48 0.14
N GLY B 167 -1.64 -11.47 0.50
CA GLY B 167 -1.20 -10.08 0.24
C GLY B 167 -0.02 -9.56 1.08
N GLY B 168 0.21 -10.11 2.29
CA GLY B 168 1.33 -9.61 3.11
C GLY B 168 1.17 -8.14 3.56
N LYS B 169 2.29 -7.54 4.01
CA LYS B 169 2.32 -6.13 4.57
C LYS B 169 1.58 -5.12 3.67
N LEU B 170 1.85 -5.22 2.37
CA LEU B 170 1.25 -4.34 1.34
C LEU B 170 -0.26 -4.24 1.44
N ASP B 171 -0.94 -5.30 1.88
CA ASP B 171 -2.41 -5.19 2.02
C ASP B 171 -2.74 -4.13 3.05
N ALA B 172 -2.00 -4.14 4.17
CA ALA B 172 -2.24 -3.11 5.16
C ALA B 172 -1.78 -1.76 4.65
N PHE B 173 -0.57 -1.64 4.09
CA PHE B 173 -0.20 -0.29 3.81
C PHE B 173 -1.17 0.23 2.72
N CYS B 174 -1.50 -0.63 1.76
CA CYS B 174 -2.28 -0.14 0.60
C CYS B 174 -3.74 0.05 1.07
N GLY B 175 -4.27 -0.92 1.82
CA GLY B 175 -5.69 -0.96 2.16
C GLY B 175 -6.18 -0.57 3.56
N ALA B 176 -5.29 -0.39 4.50
CA ALA B 176 -5.74 -0.03 5.89
C ALA B 176 -6.01 1.48 6.16
N PRO B 177 -5.30 2.40 5.51
CA PRO B 177 -5.49 3.83 5.95
C PRO B 177 -6.94 4.30 5.94
N PRO B 178 -7.73 3.91 4.94
CA PRO B 178 -9.12 4.47 4.89
C PRO B 178 -9.98 4.03 6.10
N TYR B 179 -9.58 2.91 6.75
CA TYR B 179 -10.31 2.36 7.85
C TYR B 179 -9.67 2.68 9.22
N ALA B 180 -8.51 3.32 9.20
CA ALA B 180 -7.78 3.63 10.46
C ALA B 180 -8.46 4.69 11.30
N ALA B 181 -8.46 4.44 12.63
CA ALA B 181 -9.04 5.38 13.56
C ALA B 181 -8.14 6.60 13.70
N PRO B 182 -8.74 7.77 14.03
CA PRO B 182 -7.99 9.01 14.04
C PRO B 182 -6.84 8.98 15.06
N GLU B 183 -6.97 8.16 16.11
CA GLU B 183 -5.83 8.03 17.08
C GLU B 183 -4.51 7.57 16.38
N LEU B 184 -4.61 6.97 15.19
CA LEU B 184 -3.39 6.57 14.44
C LEU B 184 -2.51 7.77 14.11
N PHE B 185 -3.12 8.91 13.88
CA PHE B 185 -2.41 10.12 13.52
C PHE B 185 -2.37 11.07 14.66
N GLN B 186 -2.68 10.62 15.86
CA GLN B 186 -2.57 11.57 16.98
C GLN B 186 -1.41 11.15 17.93
N GLY B 187 -0.59 10.20 17.57
CA GLY B 187 0.68 10.12 18.33
C GLY B 187 0.65 9.30 19.62
N LYS B 188 -0.51 8.81 20.02
CA LYS B 188 -0.59 8.08 21.30
C LYS B 188 -0.83 6.60 21.01
N LYS B 189 -1.58 5.91 21.90
CA LYS B 189 -1.74 4.45 21.78
C LYS B 189 -2.46 4.18 20.52
N TYR B 190 -2.54 2.90 20.11
CA TYR B 190 -3.44 2.38 19.04
C TYR B 190 -3.75 0.91 19.32
N ASP B 191 -4.55 0.57 20.34
CA ASP B 191 -4.72 -0.86 20.62
C ASP B 191 -6.03 -1.40 21.22
N GLY B 192 -6.96 -0.57 21.63
CA GLY B 192 -8.15 -1.20 22.24
C GLY B 192 -9.26 -1.47 21.23
N PRO B 193 -10.36 -2.04 21.69
CA PRO B 193 -11.43 -2.40 20.83
C PRO B 193 -12.03 -1.13 20.13
N GLU B 194 -11.77 0.05 20.67
CA GLU B 194 -12.42 1.32 20.18
C GLU B 194 -11.93 1.55 18.76
N VAL B 195 -10.72 1.06 18.48
CA VAL B 195 -10.13 1.22 17.14
C VAL B 195 -10.94 0.45 16.09
N ASP B 196 -11.31 -0.79 16.41
CA ASP B 196 -12.14 -1.58 15.52
C ASP B 196 -13.55 -0.91 15.42
N VAL B 197 -14.02 -0.26 16.48
CA VAL B 197 -15.38 0.36 16.42
C VAL B 197 -15.35 1.47 15.37
N TRP B 198 -14.35 2.35 15.40
CA TRP B 198 -14.20 3.31 14.25
C TRP B 198 -14.24 2.64 12.88
N SER B 199 -13.43 1.57 12.72
CA SER B 199 -13.40 0.88 11.45
C SER B 199 -14.78 0.33 11.06
N LEU B 200 -15.55 -0.12 12.01
CA LEU B 200 -16.85 -0.65 11.65
C LEU B 200 -17.80 0.52 11.20
N GLY B 201 -17.54 1.73 11.67
CA GLY B 201 -18.34 2.89 11.15
C GLY B 201 -18.02 3.10 9.67
N VAL B 202 -16.74 3.05 9.30
CA VAL B 202 -16.33 3.16 7.91
C VAL B 202 -16.99 2.09 7.08
N ILE B 203 -16.96 0.85 7.59
CA ILE B 203 -17.62 -0.26 6.87
C ILE B 203 -19.14 0.02 6.67
N LEU B 204 -19.86 0.38 7.74
CA LEU B 204 -21.29 0.70 7.59
C LEU B 204 -21.46 1.76 6.46
N TYR B 205 -20.65 2.79 6.51
CA TYR B 205 -20.75 3.85 5.48
C TYR B 205 -20.55 3.26 4.07
N THR B 206 -19.57 2.35 3.90
CA THR B 206 -19.43 1.75 2.58
C THR B 206 -20.60 0.90 2.14
N LEU B 207 -21.25 0.18 3.08
CA LEU B 207 -22.36 -0.68 2.69
C LEU B 207 -23.54 0.21 2.15
N VAL B 208 -23.77 1.33 2.84
CA VAL B 208 -24.94 2.18 2.52
C VAL B 208 -24.72 3.15 1.38
N SER B 209 -23.48 3.53 1.13
CA SER B 209 -23.21 4.57 0.08
C SER B 209 -22.47 4.00 -1.12
N GLY B 210 -21.80 2.84 -0.93
CA GLY B 210 -20.95 2.26 -1.98
C GLY B 210 -19.57 2.96 -2.08
N SER B 211 -19.21 3.85 -1.19
CA SER B 211 -17.89 4.46 -1.22
C SER B 211 -17.36 4.75 0.17
N LEU B 212 -16.12 5.22 0.22
CA LEU B 212 -15.40 5.51 1.50
C LEU B 212 -15.77 6.88 2.01
N PRO B 213 -15.99 7.01 3.32
CA PRO B 213 -16.26 8.32 3.86
C PRO B 213 -15.03 9.26 3.83
N PHE B 214 -13.79 8.71 4.01
CA PHE B 214 -12.54 9.50 4.08
C PHE B 214 -11.58 9.04 3.00
N ASP B 215 -11.06 9.93 2.16
CA ASP B 215 -10.12 9.41 1.14
C ASP B 215 -9.15 10.51 0.77
N GLY B 216 -8.10 10.23 0.02
CA GLY B 216 -7.24 11.37 -0.42
C GLY B 216 -6.28 10.82 -1.43
N GLN B 217 -5.56 11.70 -2.07
CA GLN B 217 -4.62 11.25 -3.11
C GLN B 217 -3.27 10.87 -2.50
N ASN B 218 -3.11 11.18 -1.22
CA ASN B 218 -1.86 10.78 -0.52
C ASN B 218 -2.11 10.70 0.99
N LEU B 219 -1.12 10.22 1.78
CA LEU B 219 -1.44 10.10 3.21
C LEU B 219 -1.74 11.38 3.91
N LYS B 220 -1.06 12.47 3.60
CA LYS B 220 -1.35 13.74 4.21
C LYS B 220 -2.84 14.16 4.01
N GLU B 221 -3.33 13.99 2.77
CA GLU B 221 -4.75 14.34 2.52
C GLU B 221 -5.73 13.45 3.24
N LEU B 222 -5.48 12.13 3.24
CA LEU B 222 -6.32 11.17 3.97
C LEU B 222 -6.35 11.55 5.45
N ARG B 223 -5.17 11.79 5.97
CA ARG B 223 -5.05 12.26 7.37
C ARG B 223 -5.90 13.46 7.70
N GLU B 224 -5.77 14.51 6.91
N GLU B 224 -5.79 14.51 6.89
CA GLU B 224 -6.58 15.69 7.13
CA GLU B 224 -6.58 15.72 7.11
C GLU B 224 -8.06 15.34 7.29
C GLU B 224 -8.08 15.45 7.19
N ARG B 225 -8.57 14.51 6.38
CA ARG B 225 -10.01 14.23 6.38
C ARG B 225 -10.40 13.37 7.57
N VAL B 226 -9.56 12.40 7.89
CA VAL B 226 -9.82 11.53 9.04
C VAL B 226 -9.83 12.37 10.35
N LEU B 227 -8.85 13.25 10.55
CA LEU B 227 -8.82 14.09 11.77
C LEU B 227 -9.97 15.06 11.87
N ARG B 228 -10.43 15.56 10.72
CA ARG B 228 -11.56 16.48 10.77
C ARG B 228 -12.87 15.73 11.07
N GLY B 229 -12.96 14.46 10.67
CA GLY B 229 -14.07 13.60 11.03
C GLY B 229 -15.38 13.88 10.28
N LYS B 230 -15.34 14.77 9.29
CA LYS B 230 -16.55 15.12 8.52
C LYS B 230 -16.69 14.27 7.27
N TYR B 231 -17.91 13.83 6.97
CA TYR B 231 -18.17 12.96 5.83
C TYR B 231 -19.55 13.38 5.29
N ARG B 232 -19.77 13.12 4.03
CA ARG B 232 -21.01 13.52 3.35
C ARG B 232 -22.17 12.58 3.71
N ILE B 233 -23.33 13.10 4.04
CA ILE B 233 -24.54 12.28 4.17
C ILE B 233 -25.40 12.40 2.91
N PRO B 234 -25.43 11.38 2.03
CA PRO B 234 -26.35 11.50 0.88
C PRO B 234 -27.83 11.57 1.23
N PHE B 235 -28.57 12.18 0.32
CA PHE B 235 -29.98 12.47 0.52
C PHE B 235 -30.73 11.15 0.70
N TYR B 236 -30.24 10.06 0.13
CA TYR B 236 -31.08 8.87 0.18
C TYR B 236 -30.87 8.15 1.58
N MET B 237 -29.89 8.57 2.38
CA MET B 237 -29.58 7.81 3.62
C MET B 237 -30.62 8.15 4.69
N SER B 238 -31.24 7.16 5.34
CA SER B 238 -32.26 7.52 6.33
C SER B 238 -31.63 8.32 7.48
N THR B 239 -32.44 9.07 8.21
CA THR B 239 -31.95 9.75 9.39
C THR B 239 -31.47 8.73 10.45
N ASP B 240 -32.12 7.59 10.54
CA ASP B 240 -31.74 6.63 11.56
C ASP B 240 -30.35 6.04 11.23
N CYS B 241 -30.03 5.90 9.94
CA CYS B 241 -28.70 5.39 9.56
C CYS B 241 -27.64 6.44 9.89
N GLU B 242 -27.97 7.69 9.59
CA GLU B 242 -27.07 8.82 9.86
C GLU B 242 -26.75 8.88 11.36
N ASN B 243 -27.81 8.66 12.16
CA ASN B 243 -27.63 8.73 13.61
C ASN B 243 -26.75 7.55 14.11
N LEU B 244 -26.92 6.37 13.54
CA LEU B 244 -26.00 5.23 13.89
C LEU B 244 -24.56 5.53 13.53
N LEU B 245 -24.30 5.99 12.30
CA LEU B 245 -22.93 6.41 11.96
C LEU B 245 -22.27 7.32 13.02
N LYS B 246 -23.06 8.20 13.62
CA LYS B 246 -22.57 9.08 14.70
C LYS B 246 -22.09 8.33 15.94
N ARG B 247 -22.57 7.11 16.15
CA ARG B 247 -22.08 6.31 17.33
C ARG B 247 -20.70 5.67 17.12
N PHE B 248 -20.37 5.39 15.86
CA PHE B 248 -19.09 4.81 15.50
C PHE B 248 -18.06 5.90 15.24
N LEU B 249 -18.46 6.93 14.45
CA LEU B 249 -17.44 7.83 13.89
C LEU B 249 -17.21 9.05 14.78
N VAL B 250 -16.72 8.81 15.99
CA VAL B 250 -16.52 9.87 16.97
C VAL B 250 -15.04 10.07 17.08
N LEU B 251 -14.57 11.31 17.10
CA LEU B 251 -13.12 11.47 17.09
C LEU B 251 -12.50 11.00 18.45
N ASN B 252 -13.14 11.37 19.56
CA ASN B 252 -12.66 10.97 20.92
C ASN B 252 -12.97 9.49 21.22
N PRO B 253 -11.92 8.64 21.30
CA PRO B 253 -12.24 7.21 21.40
C PRO B 253 -13.03 6.88 22.68
N ILE B 254 -12.83 7.69 23.72
CA ILE B 254 -13.53 7.54 24.99
C ILE B 254 -15.04 7.75 24.79
N LYS B 255 -15.40 8.68 23.91
CA LYS B 255 -16.80 8.99 23.62
C LYS B 255 -17.44 8.05 22.59
N ARG B 256 -16.63 7.23 21.95
CA ARG B 256 -17.13 6.32 20.94
C ARG B 256 -18.10 5.32 21.61
N GLY B 257 -19.14 4.86 20.91
CA GLY B 257 -20.01 3.82 21.52
C GLY B 257 -19.34 2.42 21.54
N THR B 258 -19.77 1.54 22.44
CA THR B 258 -19.24 0.17 22.40
C THR B 258 -20.21 -0.65 21.60
N LEU B 259 -19.72 -1.78 21.10
CA LEU B 259 -20.56 -2.64 20.27
C LEU B 259 -21.74 -3.22 21.04
N GLU B 260 -21.55 -3.47 22.32
CA GLU B 260 -22.63 -4.04 23.06
C GLU B 260 -23.75 -2.99 23.23
N GLN B 261 -23.40 -1.73 23.39
CA GLN B 261 -24.38 -0.64 23.39
C GLN B 261 -24.97 -0.36 22.00
N ILE B 262 -24.13 -0.41 20.98
CA ILE B 262 -24.54 -0.06 19.63
C ILE B 262 -25.49 -1.09 19.08
N MET B 263 -25.44 -2.29 19.66
CA MET B 263 -26.36 -3.36 19.29
C MET B 263 -27.81 -3.02 19.66
N LYS B 264 -28.03 -2.05 20.52
CA LYS B 264 -29.42 -1.69 20.85
C LYS B 264 -30.00 -0.61 19.96
N ASP B 265 -29.25 -0.17 18.96
CA ASP B 265 -29.62 0.99 18.16
C ASP B 265 -30.88 0.72 17.38
N ARG B 266 -31.71 1.76 17.20
CA ARG B 266 -32.95 1.66 16.39
C ARG B 266 -32.71 1.07 14.97
N TRP B 267 -31.78 1.64 14.21
CA TRP B 267 -31.57 1.23 12.82
C TRP B 267 -31.16 -0.24 12.74
N ILE B 268 -30.25 -0.61 13.63
CA ILE B 268 -29.72 -1.96 13.67
C ILE B 268 -30.80 -3.03 13.84
N ASN B 269 -31.87 -2.66 14.56
CA ASN B 269 -32.95 -3.60 14.87
C ASN B 269 -34.30 -3.37 14.15
N ALA B 270 -34.33 -2.44 13.19
CA ALA B 270 -35.49 -2.28 12.33
C ALA B 270 -35.86 -3.63 11.71
N GLY B 271 -37.12 -4.01 11.78
CA GLY B 271 -37.53 -5.31 11.28
C GLY B 271 -37.14 -6.45 12.21
N HIS B 272 -36.53 -6.13 13.35
CA HIS B 272 -36.21 -7.17 14.32
C HIS B 272 -36.79 -6.86 15.68
N GLU B 273 -37.97 -6.22 15.65
CA GLU B 273 -38.77 -5.95 16.84
C GLU B 273 -38.73 -7.09 17.84
N GLU B 274 -38.80 -8.33 17.35
CA GLU B 274 -38.90 -9.50 18.20
C GLU B 274 -37.61 -10.27 18.28
N ASP B 275 -36.53 -9.68 17.77
CA ASP B 275 -35.28 -10.41 17.58
C ASP B 275 -34.06 -9.50 17.76
N GLU B 276 -34.04 -8.72 18.84
CA GLU B 276 -32.98 -7.75 19.04
C GLU B 276 -31.54 -8.34 18.97
N LEU B 277 -30.61 -7.63 18.34
CA LEU B 277 -29.21 -8.07 18.31
C LEU B 277 -28.60 -8.01 19.70
N LYS B 278 -27.96 -9.09 20.14
CA LYS B 278 -27.18 -9.09 21.38
C LYS B 278 -25.90 -9.96 21.28
N PRO B 279 -25.02 -9.88 22.29
CA PRO B 279 -23.78 -10.66 22.24
C PRO B 279 -24.01 -12.12 21.88
N PHE B 280 -23.20 -12.64 20.97
CA PHE B 280 -23.28 -14.03 20.55
C PHE B 280 -22.88 -14.88 21.75
N VAL B 281 -23.54 -16.01 21.88
CA VAL B 281 -23.24 -16.98 22.94
C VAL B 281 -22.95 -18.29 22.23
N GLU B 282 -21.77 -18.86 22.48
CA GLU B 282 -21.41 -20.10 21.76
C GLU B 282 -22.35 -21.22 22.16
N PRO B 283 -22.82 -22.02 21.19
CA PRO B 283 -23.61 -23.18 21.60
C PRO B 283 -22.68 -24.09 22.39
N GLU B 284 -23.22 -24.97 23.23
CA GLU B 284 -22.37 -26.00 23.90
C GLU B 284 -21.86 -26.96 22.82
N LEU B 285 -20.57 -27.24 22.78
CA LEU B 285 -20.08 -28.05 21.65
C LEU B 285 -20.53 -29.52 21.74
N ASP B 286 -21.36 -29.98 20.80
CA ASP B 286 -21.81 -31.38 20.84
C ASP B 286 -20.76 -32.33 20.21
N ILE B 287 -20.05 -33.05 21.06
CA ILE B 287 -19.08 -34.04 20.63
C ILE B 287 -19.67 -35.44 20.76
N SER B 288 -21.00 -35.52 20.84
CA SER B 288 -21.67 -36.80 21.10
C SER B 288 -22.87 -37.04 20.21
N ASP B 289 -22.79 -36.61 18.97
CA ASP B 289 -23.81 -36.98 17.99
C ASP B 289 -23.57 -38.39 17.40
N GLN B 290 -24.42 -39.35 17.77
CA GLN B 290 -24.21 -40.76 17.42
C GLN B 290 -24.46 -41.01 15.95
N LYS B 291 -25.31 -40.22 15.30
CA LYS B 291 -25.47 -40.42 13.87
C LYS B 291 -24.12 -40.21 13.14
N ARG B 292 -23.37 -39.19 13.54
CA ARG B 292 -22.08 -38.94 12.89
C ARG B 292 -20.98 -39.87 13.40
N ILE B 293 -21.02 -40.20 14.70
CA ILE B 293 -20.04 -41.12 15.22
C ILE B 293 -20.16 -42.47 14.48
N ASP B 294 -21.39 -42.93 14.27
CA ASP B 294 -21.59 -44.23 13.62
C ASP B 294 -21.00 -44.21 12.21
N ILE B 295 -21.21 -43.10 11.49
CA ILE B 295 -20.60 -42.91 10.17
C ILE B 295 -19.07 -42.99 10.22
N MET B 296 -18.45 -42.24 11.13
CA MET B 296 -16.99 -42.35 11.33
C MET B 296 -16.47 -43.74 11.70
N VAL B 297 -17.22 -44.47 12.52
CA VAL B 297 -16.88 -45.88 12.80
C VAL B 297 -16.87 -46.68 11.48
N GLY B 298 -17.87 -46.41 10.63
CA GLY B 298 -17.95 -47.01 9.32
C GLY B 298 -16.74 -46.66 8.47
N MET B 299 -16.10 -45.53 8.70
CA MET B 299 -14.91 -45.17 7.92
C MET B 299 -13.64 -45.84 8.42
N GLY B 300 -13.69 -46.46 9.60
CA GLY B 300 -12.53 -47.17 10.12
C GLY B 300 -11.91 -46.60 11.40
N TYR B 301 -12.37 -45.44 11.85
CA TYR B 301 -11.93 -44.92 13.20
C TYR B 301 -12.59 -45.75 14.32
N SER B 302 -11.93 -45.95 15.46
CA SER B 302 -12.62 -46.64 16.54
C SER B 302 -13.38 -45.69 17.48
N GLN B 303 -14.39 -46.25 18.14
CA GLN B 303 -15.17 -45.52 19.13
C GLN B 303 -14.22 -44.71 20.03
N GLU B 304 -13.22 -45.40 20.54
CA GLU B 304 -12.32 -44.81 21.52
C GLU B 304 -11.46 -43.71 20.90
N GLU B 305 -10.96 -43.96 19.70
CA GLU B 305 -10.19 -42.90 19.03
C GLU B 305 -11.03 -41.63 18.81
N ILE B 306 -12.29 -41.83 18.43
CA ILE B 306 -13.19 -40.68 18.13
C ILE B 306 -13.43 -39.88 19.41
N GLN B 307 -13.71 -40.58 20.53
CA GLN B 307 -14.04 -39.87 21.75
C GLN B 307 -12.80 -39.12 22.23
N GLU B 308 -11.63 -39.74 22.12
CA GLU B 308 -10.43 -39.01 22.52
C GLU B 308 -10.07 -37.80 21.67
N SER B 309 -10.22 -37.88 20.35
CA SER B 309 -9.81 -36.76 19.51
C SER B 309 -10.83 -35.60 19.70
N LEU B 310 -12.11 -35.95 19.85
CA LEU B 310 -13.16 -34.95 20.08
C LEU B 310 -13.04 -34.32 21.46
N SER B 311 -12.83 -35.14 22.49
CA SER B 311 -12.81 -34.52 23.83
C SER B 311 -11.56 -33.66 24.02
N LYS B 312 -10.44 -34.05 23.40
CA LYS B 312 -9.24 -33.24 23.58
C LYS B 312 -9.17 -32.18 22.49
N MET B 313 -10.19 -32.18 21.63
CA MET B 313 -10.34 -31.23 20.50
C MET B 313 -8.99 -31.06 19.80
N LYS B 314 -8.57 -32.15 19.17
CA LYS B 314 -7.24 -32.27 18.60
C LYS B 314 -7.03 -31.56 17.24
N TYR B 315 -8.11 -31.13 16.61
CA TYR B 315 -8.04 -30.57 15.20
C TYR B 315 -7.25 -31.54 14.28
N ASP B 316 -7.61 -32.83 14.33
CA ASP B 316 -6.90 -33.84 13.59
C ASP B 316 -7.88 -34.38 12.57
N GLU B 317 -7.55 -35.52 11.97
CA GLU B 317 -8.42 -36.19 10.89
C GLU B 317 -9.82 -36.37 11.35
N ILE B 318 -9.91 -36.76 12.61
CA ILE B 318 -11.20 -37.11 13.20
C ILE B 318 -12.09 -35.91 13.51
N THR B 319 -11.59 -34.94 14.26
CA THR B 319 -12.45 -33.81 14.60
C THR B 319 -12.92 -33.08 13.29
N ALA B 320 -12.03 -33.00 12.30
CA ALA B 320 -12.39 -32.35 10.99
C ALA B 320 -13.47 -33.10 10.25
N THR B 321 -13.37 -34.44 10.22
CA THR B 321 -14.41 -35.25 9.61
C THR B 321 -15.73 -35.08 10.33
N TYR B 322 -15.69 -35.04 11.68
CA TYR B 322 -16.93 -34.88 12.42
C TYR B 322 -17.58 -33.52 12.08
N LEU B 323 -16.77 -32.49 12.12
CA LEU B 323 -17.30 -31.11 11.78
C LEU B 323 -17.88 -31.06 10.36
N LEU B 324 -17.17 -31.65 9.40
CA LEU B 324 -17.54 -31.54 7.97
C LEU B 324 -18.74 -32.39 7.69
N LEU B 325 -18.95 -33.45 8.47
CA LEU B 325 -20.15 -34.24 8.32
C LEU B 325 -21.32 -33.40 8.80
N GLY B 326 -21.05 -32.39 9.60
CA GLY B 326 -22.16 -31.60 10.18
C GLY B 326 -22.59 -30.37 9.35
N ARG B 327 -21.84 -30.05 8.30
CA ARG B 327 -22.03 -28.81 7.53
C ARG B 327 -23.17 -28.96 6.54
#